data_1BXT
#
_entry.id   1BXT
#
_cell.length_a   81.900
_cell.length_b   84.550
_cell.length_c   144.010
_cell.angle_alpha   90.00
_cell.angle_beta   90.00
_cell.angle_gamma   90.00
#
_symmetry.space_group_name_H-M   'C 2 2 21'
#
loop_
_entity.id
_entity.type
_entity.pdbx_description
1 polymer 'PROTEIN (STREPTOCOCCAL SUPERANTIGEN)'
2 water water
#
_entity_poly.entity_id   1
_entity_poly.type   'polypeptide(L)'
_entity_poly.pdbx_seq_one_letter_code
;SSQPDPTPEQLNKSSQFTGVMGNLRCLYDNHFVEGTNVRSTGQLLQHDLIFPIKDLKLKNYDSVKTEFNSKDLATKYKNK
DVDIFGSNYYYNCYYSEGNSCKNAKKTCMYGGVTEHHRNQIEGKFPNITVKVYEDNENILSFDITTNKKQVTVQELDCKT
RKILVSRKNLYEFNNSPYETGYIKFIESSGDSFWYDMMPAPGAIFDQSKYLMLYNDNKTVSSSAIAIEVHLTKK
;
_entity_poly.pdbx_strand_id   A,B
#
# COMPACT_ATOMS: atom_id res chain seq x y z
N SER A 1 -29.49 2.94 9.50
CA SER A 1 -29.71 2.16 8.26
C SER A 1 -29.38 3.03 7.06
N SER A 2 -30.41 3.56 6.41
CA SER A 2 -30.17 4.40 5.25
C SER A 2 -31.10 5.60 5.21
N GLN A 3 -30.70 6.58 4.41
CA GLN A 3 -31.44 7.82 4.28
C GLN A 3 -32.56 7.78 3.25
N PRO A 4 -33.75 8.28 3.64
CA PRO A 4 -34.87 8.28 2.69
C PRO A 4 -34.51 9.17 1.50
N ASP A 5 -34.84 8.75 0.29
CA ASP A 5 -34.52 9.53 -0.89
C ASP A 5 -35.15 10.92 -0.78
N PRO A 6 -34.61 11.92 -1.49
CA PRO A 6 -35.16 13.28 -1.44
C PRO A 6 -36.51 13.45 -2.07
N THR A 7 -37.29 14.34 -1.49
CA THR A 7 -38.60 14.74 -1.99
C THR A 7 -38.30 15.98 -2.88
N PRO A 8 -39.06 16.21 -3.95
CA PRO A 8 -38.75 17.40 -4.76
C PRO A 8 -38.68 18.68 -3.92
N GLU A 9 -39.45 18.71 -2.83
CA GLU A 9 -39.51 19.87 -1.90
C GLU A 9 -38.32 19.91 -0.92
N GLN A 10 -37.49 18.87 -0.98
CA GLN A 10 -36.32 18.74 -0.12
C GLN A 10 -35.02 19.15 -0.81
N LEU A 11 -35.12 19.47 -2.10
CA LEU A 11 -33.96 19.83 -2.89
C LEU A 11 -33.87 21.31 -3.20
N ASN A 12 -32.65 21.83 -3.15
CA ASN A 12 -32.37 23.23 -3.45
C ASN A 12 -32.63 23.48 -4.94
N LYS A 13 -33.22 24.63 -5.25
CA LYS A 13 -33.50 25.01 -6.65
C LYS A 13 -32.42 25.97 -7.09
N SER A 14 -31.68 25.62 -8.13
CA SER A 14 -30.61 26.49 -8.60
C SER A 14 -31.16 27.85 -9.04
N SER A 15 -32.39 27.83 -9.58
CA SER A 15 -33.03 29.05 -10.05
C SER A 15 -33.27 30.04 -8.91
N GLN A 16 -33.18 29.55 -7.67
CA GLN A 16 -33.39 30.41 -6.51
C GLN A 16 -32.07 30.90 -5.93
N PHE A 17 -30.97 30.52 -6.57
CA PHE A 17 -29.65 30.97 -6.15
C PHE A 17 -29.28 32.05 -7.17
N THR A 18 -28.97 33.24 -6.68
CA THR A 18 -28.66 34.36 -7.56
C THR A 18 -27.19 34.78 -7.61
N GLY A 19 -26.33 34.08 -6.89
CA GLY A 19 -24.92 34.42 -6.91
C GLY A 19 -24.20 33.83 -8.11
N VAL A 20 -22.88 33.76 -8.05
CA VAL A 20 -22.10 33.21 -9.14
C VAL A 20 -21.84 31.72 -8.89
N MET A 21 -22.52 30.88 -9.67
CA MET A 21 -22.39 29.43 -9.52
C MET A 21 -20.96 28.98 -9.73
N GLY A 22 -20.15 29.85 -10.33
CA GLY A 22 -18.76 29.52 -10.57
C GLY A 22 -18.01 29.28 -9.27
N ASN A 23 -18.54 29.81 -8.17
CA ASN A 23 -17.90 29.64 -6.87
C ASN A 23 -18.07 28.21 -6.35
N LEU A 24 -19.10 27.53 -6.84
CA LEU A 24 -19.35 26.15 -6.47
C LEU A 24 -18.66 25.27 -7.51
N ARG A 25 -18.70 25.71 -8.76
CA ARG A 25 -18.06 24.98 -9.85
C ARG A 25 -16.57 24.77 -9.62
N CYS A 26 -15.88 25.80 -9.14
CA CYS A 26 -14.44 25.74 -8.91
C CYS A 26 -14.03 24.74 -7.84
N LEU A 27 -14.99 24.22 -7.10
CA LEU A 27 -14.69 23.24 -6.06
C LEU A 27 -14.62 21.83 -6.63
N TYR A 28 -15.10 21.67 -7.86
CA TYR A 28 -15.13 20.35 -8.49
C TYR A 28 -14.69 20.27 -9.95
N ASP A 29 -14.45 21.36 -10.60
CA ASP A 29 -14.12 21.28 -12.03
C ASP A 29 -12.65 21.08 -12.27
N ASN A 30 -11.95 20.77 -11.25
CA ASN A 30 -10.54 20.90 -11.39
C ASN A 30 -9.74 19.91 -10.56
N HIS A 31 -8.63 20.43 -9.99
CA HIS A 31 -7.71 19.67 -9.11
C HIS A 31 -8.24 19.66 -7.67
N PHE A 32 -7.91 18.58 -7.01
CA PHE A 32 -8.28 18.35 -5.61
C PHE A 32 -7.01 18.11 -4.81
N VAL A 33 -7.06 18.42 -3.53
CA VAL A 33 -5.92 18.17 -2.68
C VAL A 33 -5.68 16.65 -2.71
N GLU A 34 -4.42 16.26 -2.77
CA GLU A 34 -4.09 14.85 -2.78
C GLU A 34 -2.78 14.63 -2.07
N GLY A 35 -2.79 13.75 -1.08
CA GLY A 35 -1.59 13.45 -0.33
C GLY A 35 -1.47 11.95 -0.20
N THR A 36 -0.24 11.44 -0.26
CA THR A 36 0.00 10.00 -0.15
C THR A 36 0.95 9.67 0.99
N ASN A 37 0.49 8.83 1.91
CA ASN A 37 1.31 8.43 3.04
C ASN A 37 1.93 9.62 3.75
N VAL A 38 1.09 10.47 4.33
CA VAL A 38 1.56 11.63 5.05
C VAL A 38 1.17 11.51 6.52
N ARG A 39 1.83 12.30 7.35
CA ARG A 39 1.54 12.36 8.77
C ARG A 39 1.24 13.80 9.16
N SER A 40 0.23 13.95 10.02
CA SER A 40 -0.19 15.24 10.53
C SER A 40 0.98 15.90 11.25
N THR A 41 1.14 17.19 11.02
CA THR A 41 2.23 17.95 11.63
C THR A 41 1.73 18.83 12.78
N GLY A 42 0.42 18.79 13.02
CA GLY A 42 -0.16 19.58 14.09
C GLY A 42 -1.67 19.68 13.94
N GLN A 43 -2.24 20.60 14.70
CA GLN A 43 -3.67 20.87 14.70
C GLN A 43 -3.94 22.15 15.47
N LEU A 44 -5.09 22.75 15.21
CA LEU A 44 -5.49 24.00 15.87
C LEU A 44 -6.41 23.71 17.04
N LEU A 45 -7.50 23.02 16.73
CA LEU A 45 -8.51 22.66 17.69
C LEU A 45 -8.64 21.12 17.71
N GLN A 46 -9.36 20.57 18.68
CA GLN A 46 -9.50 19.11 18.84
C GLN A 46 -10.28 18.40 17.73
N HIS A 47 -10.79 19.18 16.79
CA HIS A 47 -11.61 18.63 15.72
C HIS A 47 -10.91 18.61 14.36
N ASP A 48 -9.67 19.10 14.30
CA ASP A 48 -8.96 19.11 13.03
C ASP A 48 -7.54 18.58 13.12
N LEU A 49 -6.94 18.45 11.95
CA LEU A 49 -5.57 17.97 11.76
C LEU A 49 -4.94 18.74 10.61
N ILE A 50 -3.67 19.08 10.77
CA ILE A 50 -2.93 19.78 9.72
C ILE A 50 -1.91 18.81 9.11
N PHE A 51 -1.86 18.79 7.78
CA PHE A 51 -0.94 17.92 7.07
C PHE A 51 -0.01 18.75 6.21
N PRO A 52 1.27 18.36 6.13
CA PRO A 52 2.24 19.09 5.32
C PRO A 52 2.14 18.81 3.82
N ILE A 53 0.95 19.00 3.26
CA ILE A 53 0.73 18.76 1.84
C ILE A 53 0.95 20.07 1.06
N LYS A 54 2.01 20.06 0.27
CA LYS A 54 2.39 21.21 -0.53
C LYS A 54 1.81 21.07 -1.90
N ASP A 55 1.61 22.22 -2.49
CA ASP A 55 1.06 22.29 -3.81
C ASP A 55 2.14 22.52 -4.78
N LEU A 56 2.50 21.42 -5.39
CA LEU A 56 3.53 21.41 -6.38
C LEU A 56 2.97 22.00 -7.69
N LYS A 57 1.68 21.79 -7.93
CA LYS A 57 1.02 22.26 -9.15
C LYS A 57 0.97 23.77 -9.34
N LEU A 58 0.21 24.44 -8.48
CA LEU A 58 0.04 25.89 -8.59
C LEU A 58 0.64 26.70 -7.45
N LYS A 59 1.25 26.02 -6.49
CA LYS A 59 1.87 26.69 -5.35
C LYS A 59 0.88 27.58 -4.60
N ASN A 60 -0.33 27.05 -4.35
CA ASN A 60 -1.36 27.82 -3.65
C ASN A 60 -1.40 27.56 -2.15
N TYR A 61 -0.69 26.54 -1.69
CA TYR A 61 -0.63 26.22 -0.27
C TYR A 61 0.54 25.31 0.09
N ASP A 62 1.06 25.47 1.29
CA ASP A 62 2.19 24.70 1.78
C ASP A 62 1.76 23.64 2.78
N SER A 63 0.48 23.68 3.14
CA SER A 63 -0.08 22.71 4.07
C SER A 63 -1.60 22.79 3.96
N VAL A 64 -2.27 21.81 4.56
CA VAL A 64 -3.73 21.76 4.52
C VAL A 64 -4.29 21.40 5.89
N LYS A 65 -5.40 22.03 6.25
CA LYS A 65 -6.05 21.73 7.51
C LYS A 65 -7.42 21.13 7.21
N THR A 66 -7.68 19.94 7.74
CA THR A 66 -8.96 19.28 7.52
C THR A 66 -9.73 19.19 8.83
N GLU A 67 -11.04 19.36 8.74
CA GLU A 67 -11.90 19.31 9.92
C GLU A 67 -12.83 18.11 9.89
N PHE A 68 -13.12 17.58 11.07
CA PHE A 68 -14.01 16.42 11.21
C PHE A 68 -15.17 16.82 12.11
N ASN A 69 -16.24 16.02 12.11
CA ASN A 69 -17.39 16.33 12.94
C ASN A 69 -17.22 15.86 14.38
N SER A 70 -16.04 15.33 14.71
CA SER A 70 -15.80 14.85 16.06
C SER A 70 -14.32 14.78 16.41
N LYS A 71 -14.04 14.86 17.71
CA LYS A 71 -12.66 14.78 18.20
C LYS A 71 -12.13 13.37 17.97
N ASP A 72 -13.02 12.40 18.05
CA ASP A 72 -12.65 11.01 17.85
C ASP A 72 -11.98 10.78 16.50
N LEU A 73 -12.58 11.35 15.45
CA LEU A 73 -12.04 11.20 14.10
C LEU A 73 -10.63 11.80 14.00
N ALA A 74 -10.43 12.95 14.61
CA ALA A 74 -9.13 13.61 14.59
C ALA A 74 -8.09 12.81 15.38
N THR A 75 -8.51 12.25 16.51
CA THR A 75 -7.62 11.48 17.39
C THR A 75 -7.16 10.21 16.71
N LYS A 76 -8.07 9.70 15.92
CA LYS A 76 -7.93 8.46 15.20
C LYS A 76 -6.83 8.48 14.13
N TYR A 77 -6.77 9.56 13.37
CA TYR A 77 -5.79 9.69 12.29
C TYR A 77 -4.62 10.59 12.69
N LYS A 78 -4.65 11.07 13.92
CA LYS A 78 -3.62 11.97 14.42
C LYS A 78 -2.20 11.50 14.17
N ASN A 79 -1.91 10.28 14.58
CA ASN A 79 -0.56 9.75 14.43
C ASN A 79 -0.44 8.60 13.45
N LYS A 80 -1.32 8.59 12.46
CA LYS A 80 -1.28 7.56 11.44
C LYS A 80 -0.78 8.15 10.13
N ASP A 81 -0.24 7.25 9.31
CA ASP A 81 0.19 7.56 7.95
C ASP A 81 -1.12 7.43 7.17
N VAL A 82 -1.51 8.51 6.52
CA VAL A 82 -2.78 8.50 5.81
C VAL A 82 -2.70 9.04 4.40
N ASP A 83 -3.79 8.86 3.66
CA ASP A 83 -3.92 9.37 2.31
C ASP A 83 -4.99 10.41 2.43
N ILE A 84 -4.90 11.48 1.64
CA ILE A 84 -5.87 12.55 1.70
C ILE A 84 -6.37 12.88 0.30
N PHE A 85 -7.67 13.08 0.18
CA PHE A 85 -8.28 13.43 -1.10
C PHE A 85 -9.55 14.24 -0.83
N GLY A 86 -9.63 15.43 -1.43
CA GLY A 86 -10.80 16.25 -1.22
C GLY A 86 -10.84 17.62 -1.90
N SER A 87 -11.93 18.33 -1.67
CA SER A 87 -12.15 19.64 -2.24
C SER A 87 -11.76 20.68 -1.18
N ASN A 88 -10.83 21.56 -1.51
CA ASN A 88 -10.39 22.57 -0.54
C ASN A 88 -10.93 23.97 -0.87
N TYR A 89 -10.83 24.82 0.15
CA TYR A 89 -11.26 26.23 0.08
C TYR A 89 -10.24 27.09 0.86
N TYR A 90 -10.24 28.38 0.53
CA TYR A 90 -9.33 29.36 1.14
C TYR A 90 -10.11 30.47 1.86
N TYR A 91 -11.32 30.61 1.37
CA TYR A 91 -12.27 31.61 1.85
C TYR A 91 -12.07 31.96 3.32
N ASN A 92 -12.33 30.96 4.11
CA ASN A 92 -12.33 31.06 5.55
C ASN A 92 -11.13 30.40 6.16
N CYS A 93 -9.96 30.75 5.72
CA CYS A 93 -8.85 30.07 6.29
C CYS A 93 -7.48 30.58 5.86
N LYS A 106 -1.67 27.69 3.07
CA LYS A 106 -2.91 27.47 3.80
C LYS A 106 -4.15 27.47 2.94
N THR A 107 -4.81 26.35 3.15
CA THR A 107 -6.10 25.99 2.58
C THR A 107 -6.69 24.85 3.40
N CYS A 108 -7.99 24.96 3.57
CA CYS A 108 -8.77 24.02 4.36
C CYS A 108 -9.64 23.14 3.47
N MET A 109 -10.21 22.17 4.15
CA MET A 109 -11.12 21.17 3.59
C MET A 109 -11.85 20.51 4.77
N TYR A 110 -12.47 19.37 4.50
CA TYR A 110 -13.18 18.57 5.53
C TYR A 110 -13.02 17.08 5.20
N GLY A 111 -12.77 16.29 6.23
CA GLY A 111 -12.62 14.84 6.09
C GLY A 111 -11.57 14.50 5.06
N GLY A 112 -11.90 13.56 4.18
CA GLY A 112 -11.00 13.14 3.10
C GLY A 112 -9.80 12.31 3.52
N VAL A 113 -9.83 11.78 4.73
CA VAL A 113 -8.71 10.99 5.24
C VAL A 113 -8.97 9.50 5.36
N THR A 114 -8.02 8.71 4.85
CA THR A 114 -8.10 7.25 4.93
C THR A 114 -6.71 6.76 5.31
N GLU A 115 -6.65 5.63 6.00
CA GLU A 115 -5.40 5.05 6.46
C GLU A 115 -4.65 4.57 5.22
N HIS A 116 -3.36 4.89 5.12
CA HIS A 116 -2.58 4.50 3.97
C HIS A 116 -2.26 3.01 3.91
N HIS A 117 -1.73 2.49 5.00
CA HIS A 117 -1.35 1.09 5.07
C HIS A 117 -2.49 0.10 4.91
N ARG A 118 -2.24 -0.94 4.13
CA ARG A 118 -3.21 -2.01 3.86
C ARG A 118 -4.37 -1.56 2.98
N ASN A 119 -4.39 -0.28 2.62
CA ASN A 119 -5.49 0.24 1.80
C ASN A 119 -5.15 0.42 0.32
N GLN A 120 -3.90 0.18 -0.04
CA GLN A 120 -3.48 0.34 -1.43
C GLN A 120 -3.94 -0.81 -2.32
N ILE A 121 -4.57 -0.47 -3.44
CA ILE A 121 -5.05 -1.50 -4.36
C ILE A 121 -3.93 -1.95 -5.30
N GLU A 122 -3.80 -3.27 -5.44
CA GLU A 122 -2.79 -3.84 -6.30
C GLU A 122 -3.50 -4.44 -7.51
N GLY A 123 -2.97 -4.18 -8.70
CA GLY A 123 -3.59 -4.70 -9.90
C GLY A 123 -4.65 -3.75 -10.43
N LYS A 124 -5.67 -4.31 -11.07
CA LYS A 124 -6.76 -3.53 -11.66
C LYS A 124 -7.57 -2.74 -10.63
N PHE A 125 -7.73 -1.44 -10.89
CA PHE A 125 -8.51 -0.60 -10.00
C PHE A 125 -9.99 -0.88 -10.24
N PRO A 126 -10.82 -0.75 -9.20
CA PRO A 126 -12.25 -1.02 -9.36
C PRO A 126 -12.94 0.00 -10.26
N ASN A 127 -13.94 -0.47 -10.99
CA ASN A 127 -14.71 0.40 -11.86
C ASN A 127 -16.00 0.71 -11.14
N ILE A 128 -16.17 1.97 -10.74
CA ILE A 128 -17.37 2.39 -10.05
C ILE A 128 -18.26 3.07 -11.09
N THR A 129 -19.42 2.49 -11.33
CA THR A 129 -20.35 3.02 -12.31
C THR A 129 -21.26 4.12 -11.78
N VAL A 130 -21.36 5.19 -12.54
CA VAL A 130 -22.21 6.32 -12.19
C VAL A 130 -23.33 6.37 -13.22
N LYS A 131 -24.57 6.23 -12.75
CA LYS A 131 -25.73 6.30 -13.63
C LYS A 131 -26.31 7.71 -13.49
N VAL A 132 -26.43 8.42 -14.61
CA VAL A 132 -26.97 9.78 -14.58
C VAL A 132 -28.40 9.81 -15.07
N TYR A 133 -29.28 10.41 -14.27
CA TYR A 133 -30.69 10.50 -14.63
C TYR A 133 -31.09 11.97 -14.81
N GLU A 134 -31.89 12.23 -15.84
CA GLU A 134 -32.38 13.57 -16.11
C GLU A 134 -33.89 13.38 -16.15
N ASP A 135 -34.58 13.95 -15.17
CA ASP A 135 -36.02 13.82 -15.07
C ASP A 135 -36.43 12.35 -15.04
N ASN A 136 -35.71 11.59 -14.22
CA ASN A 136 -35.93 10.16 -14.02
C ASN A 136 -35.59 9.26 -15.21
N GLU A 137 -34.80 9.77 -16.15
CA GLU A 137 -34.40 8.97 -17.30
C GLU A 137 -32.88 8.75 -17.30
N ASN A 138 -32.46 7.49 -17.29
CA ASN A 138 -31.03 7.16 -17.31
C ASN A 138 -30.52 7.60 -18.67
N ILE A 139 -29.93 8.79 -18.70
CA ILE A 139 -29.47 9.42 -19.93
C ILE A 139 -27.99 9.22 -20.23
N LEU A 140 -27.23 8.87 -19.20
CA LEU A 140 -25.80 8.72 -19.36
C LEU A 140 -25.22 7.88 -18.21
N SER A 141 -24.16 7.14 -18.51
CA SER A 141 -23.46 6.29 -17.54
C SER A 141 -21.97 6.33 -17.82
N PHE A 142 -21.17 6.45 -16.77
CA PHE A 142 -19.73 6.47 -16.91
C PHE A 142 -19.10 5.92 -15.65
N ASP A 143 -17.86 5.47 -15.77
CA ASP A 143 -17.16 4.89 -14.64
C ASP A 143 -16.04 5.80 -14.15
N ILE A 144 -15.83 5.74 -12.84
CA ILE A 144 -14.75 6.47 -12.21
C ILE A 144 -13.95 5.41 -11.46
N THR A 145 -12.74 5.76 -11.07
CA THR A 145 -11.93 4.83 -10.34
C THR A 145 -11.29 5.50 -9.14
N THR A 146 -10.59 4.64 -8.39
CA THR A 146 -9.80 4.96 -7.19
C THR A 146 -8.74 3.88 -6.94
N ASN A 147 -7.73 4.23 -6.16
CA ASN A 147 -6.61 3.34 -5.82
C ASN A 147 -6.75 2.83 -4.39
N LYS A 148 -7.85 3.19 -3.73
CA LYS A 148 -8.08 2.79 -2.34
C LYS A 148 -9.15 1.72 -2.18
N LYS A 149 -8.89 0.76 -1.29
CA LYS A 149 -9.83 -0.32 -1.02
C LYS A 149 -11.05 0.30 -0.33
N GLN A 150 -10.77 1.12 0.68
CA GLN A 150 -11.80 1.84 1.40
C GLN A 150 -11.53 3.28 1.00
N VAL A 151 -12.47 3.89 0.29
CA VAL A 151 -12.30 5.26 -0.18
C VAL A 151 -13.34 6.20 0.41
N THR A 152 -12.98 7.46 0.60
CA THR A 152 -13.95 8.40 1.14
C THR A 152 -15.01 8.66 0.08
N VAL A 153 -16.23 8.88 0.53
CA VAL A 153 -17.32 9.18 -0.38
C VAL A 153 -16.97 10.51 -1.06
N GLN A 154 -16.28 11.38 -0.33
CA GLN A 154 -15.88 12.67 -0.86
C GLN A 154 -15.05 12.51 -2.14
N GLU A 155 -14.07 11.62 -2.12
CA GLU A 155 -13.25 11.40 -3.32
C GLU A 155 -14.09 10.94 -4.49
N LEU A 156 -15.08 10.09 -4.22
CA LEU A 156 -15.96 9.60 -5.28
C LEU A 156 -16.86 10.71 -5.79
N ASP A 157 -17.36 11.52 -4.86
CA ASP A 157 -18.23 12.64 -5.19
C ASP A 157 -17.46 13.63 -6.08
N CYS A 158 -16.28 14.02 -5.60
CA CYS A 158 -15.42 14.95 -6.32
C CYS A 158 -15.17 14.51 -7.75
N LYS A 159 -14.77 13.25 -7.92
CA LYS A 159 -14.48 12.73 -9.24
C LYS A 159 -15.72 12.67 -10.13
N THR A 160 -16.87 12.42 -9.53
CA THR A 160 -18.11 12.33 -10.30
C THR A 160 -18.54 13.72 -10.79
N ARG A 161 -18.50 14.70 -9.89
CA ARG A 161 -18.90 16.05 -10.21
C ARG A 161 -17.97 16.67 -11.25
N LYS A 162 -16.68 16.34 -11.18
CA LYS A 162 -15.73 16.88 -12.16
C LYS A 162 -16.15 16.48 -13.57
N ILE A 163 -16.53 15.21 -13.73
CA ILE A 163 -16.96 14.72 -15.03
C ILE A 163 -18.29 15.35 -15.42
N LEU A 164 -19.17 15.54 -14.45
CA LEU A 164 -20.48 16.13 -14.71
C LEU A 164 -20.36 17.59 -15.16
N VAL A 165 -19.33 18.27 -14.68
CA VAL A 165 -19.10 19.67 -15.05
C VAL A 165 -18.52 19.69 -16.47
N SER A 166 -17.54 18.83 -16.71
CA SER A 166 -16.88 18.72 -18.01
C SER A 166 -17.76 18.17 -19.13
N ARG A 167 -18.69 17.28 -18.80
CA ARG A 167 -19.55 16.66 -19.80
C ARG A 167 -20.99 17.15 -19.85
N LYS A 168 -21.55 17.52 -18.71
CA LYS A 168 -22.94 17.96 -18.67
C LYS A 168 -23.17 19.38 -18.17
N ASN A 169 -22.11 20.18 -18.10
CA ASN A 169 -22.26 21.56 -17.64
C ASN A 169 -23.03 21.62 -16.34
N LEU A 170 -22.84 20.63 -15.46
CA LEU A 170 -23.55 20.59 -14.19
C LEU A 170 -23.56 21.97 -13.53
N TYR A 171 -22.40 22.60 -13.49
CA TYR A 171 -22.27 23.95 -12.94
C TYR A 171 -21.65 24.83 -14.01
N GLU A 172 -22.22 26.01 -14.22
CA GLU A 172 -21.70 26.95 -15.18
C GLU A 172 -21.24 28.13 -14.37
N PHE A 173 -20.64 29.12 -15.00
CA PHE A 173 -20.16 30.28 -14.25
C PHE A 173 -21.30 31.05 -13.58
N ASN A 174 -22.42 31.18 -14.29
CA ASN A 174 -23.57 31.95 -13.77
C ASN A 174 -24.48 31.08 -12.89
N ASN A 175 -25.09 30.09 -13.50
CA ASN A 175 -26.00 29.18 -12.78
C ASN A 175 -25.80 27.75 -13.30
N SER A 176 -26.90 27.03 -13.44
CA SER A 176 -26.84 25.62 -13.90
C SER A 176 -28.00 25.24 -14.83
N PRO A 177 -27.75 24.43 -15.87
CA PRO A 177 -28.81 23.93 -16.76
C PRO A 177 -29.87 23.10 -16.02
N TYR A 178 -29.53 22.66 -14.81
CA TYR A 178 -30.43 21.83 -14.01
C TYR A 178 -31.02 22.56 -12.80
N GLU A 179 -32.31 22.36 -12.56
CA GLU A 179 -33.00 23.00 -11.44
C GLU A 179 -32.62 22.35 -10.11
N THR A 180 -32.72 21.03 -10.04
CA THR A 180 -32.34 20.30 -8.83
C THR A 180 -31.35 19.23 -9.21
N GLY A 181 -30.61 18.74 -8.22
CA GLY A 181 -29.64 17.72 -8.49
C GLY A 181 -29.08 17.15 -7.21
N TYR A 182 -29.04 15.82 -7.14
CA TYR A 182 -28.49 15.15 -5.98
C TYR A 182 -27.71 13.93 -6.44
N ILE A 183 -26.71 13.54 -5.65
CA ILE A 183 -25.89 12.38 -5.94
C ILE A 183 -26.19 11.37 -4.84
N LYS A 184 -26.54 10.15 -5.24
CA LYS A 184 -26.91 9.11 -4.31
C LYS A 184 -25.90 7.97 -4.32
N PHE A 185 -25.52 7.53 -3.13
CA PHE A 185 -24.56 6.43 -2.97
C PHE A 185 -25.29 5.24 -2.38
N ILE A 186 -25.07 4.06 -2.94
CA ILE A 186 -25.70 2.84 -2.45
C ILE A 186 -24.64 1.80 -2.18
N GLU A 187 -24.62 1.30 -0.95
CA GLU A 187 -23.66 0.26 -0.56
C GLU A 187 -24.25 -1.12 -0.82
N SER A 188 -23.40 -2.15 -0.80
CA SER A 188 -23.86 -3.52 -1.09
C SER A 188 -25.12 -3.95 -0.35
N SER A 189 -25.29 -3.48 0.88
CA SER A 189 -26.45 -3.86 1.67
C SER A 189 -27.73 -3.19 1.18
N GLY A 190 -27.60 -2.25 0.27
CA GLY A 190 -28.78 -1.54 -0.23
C GLY A 190 -28.90 -0.20 0.48
N ASP A 191 -28.18 -0.05 1.59
CA ASP A 191 -28.21 1.21 2.35
C ASP A 191 -27.71 2.34 1.45
N SER A 192 -28.41 3.48 1.49
CA SER A 192 -28.04 4.62 0.68
C SER A 192 -28.17 5.96 1.41
N PHE A 193 -27.56 6.98 0.81
CA PHE A 193 -27.60 8.34 1.33
C PHE A 193 -27.35 9.24 0.13
N TRP A 194 -27.68 10.51 0.23
CA TRP A 194 -27.49 11.41 -0.90
C TRP A 194 -27.06 12.81 -0.46
N TYR A 195 -26.48 13.56 -1.38
CA TYR A 195 -26.04 14.93 -1.09
C TYR A 195 -26.74 15.87 -2.09
N ASP A 196 -27.16 17.03 -1.62
CA ASP A 196 -27.78 18.00 -2.50
C ASP A 196 -26.62 18.68 -3.23
N MET A 197 -26.65 18.65 -4.57
CA MET A 197 -25.59 19.24 -5.37
C MET A 197 -25.82 20.72 -5.70
N MET A 198 -27.00 21.23 -5.35
CA MET A 198 -27.31 22.63 -5.63
C MET A 198 -27.12 23.51 -4.41
N PRO A 199 -26.74 24.78 -4.63
CA PRO A 199 -26.51 25.72 -3.53
C PRO A 199 -27.79 26.21 -2.87
N ALA A 200 -27.66 26.66 -1.62
CA ALA A 200 -28.81 27.18 -0.88
C ALA A 200 -29.27 28.46 -1.59
N PRO A 201 -30.55 28.81 -1.46
CA PRO A 201 -31.09 30.03 -2.11
C PRO A 201 -30.44 31.31 -1.62
N GLY A 202 -30.52 32.36 -2.43
CA GLY A 202 -29.93 33.62 -2.06
C GLY A 202 -28.82 33.98 -3.03
N ALA A 203 -28.12 35.07 -2.77
CA ALA A 203 -27.05 35.51 -3.67
C ALA A 203 -25.65 35.15 -3.21
N ILE A 204 -25.54 34.55 -2.03
CA ILE A 204 -24.23 34.19 -1.49
C ILE A 204 -23.99 32.70 -1.35
N PHE A 205 -22.81 32.25 -1.79
CA PHE A 205 -22.45 30.85 -1.66
C PHE A 205 -21.24 30.74 -0.73
N ASP A 206 -21.47 30.11 0.41
CA ASP A 206 -20.43 29.91 1.41
C ASP A 206 -19.78 28.55 1.18
N GLN A 207 -18.57 28.57 0.61
CA GLN A 207 -17.83 27.35 0.33
C GLN A 207 -17.50 26.54 1.59
N SER A 208 -16.95 27.22 2.60
CA SER A 208 -16.59 26.56 3.84
C SER A 208 -17.80 25.92 4.49
N LYS A 209 -18.98 26.49 4.24
CA LYS A 209 -20.20 25.95 4.80
C LYS A 209 -20.72 24.76 3.97
N TYR A 210 -20.62 24.87 2.65
CA TYR A 210 -21.08 23.79 1.77
C TYR A 210 -20.27 22.51 1.94
N LEU A 211 -18.95 22.63 1.92
CA LEU A 211 -18.07 21.48 2.03
C LEU A 211 -18.12 20.77 3.38
N MET A 212 -18.86 21.33 4.32
CA MET A 212 -18.97 20.74 5.67
C MET A 212 -19.61 19.36 5.60
N LEU A 213 -20.36 19.15 4.55
CA LEU A 213 -21.01 17.86 4.30
C LEU A 213 -19.98 16.73 4.27
N TYR A 214 -18.71 17.02 4.07
CA TYR A 214 -17.73 15.93 3.99
C TYR A 214 -17.04 15.67 5.33
N ASN A 215 -17.46 16.36 6.37
CA ASN A 215 -16.75 16.28 7.67
C ASN A 215 -17.00 15.01 8.48
N ASP A 216 -17.83 14.10 7.97
CA ASP A 216 -18.06 12.84 8.68
C ASP A 216 -17.01 11.83 8.24
N ASN A 217 -16.21 12.19 7.24
CA ASN A 217 -15.15 11.32 6.73
C ASN A 217 -15.71 9.95 6.34
N LYS A 218 -16.95 9.95 5.85
CA LYS A 218 -17.60 8.71 5.45
C LYS A 218 -16.80 8.00 4.36
N THR A 219 -16.60 6.70 4.53
CA THR A 219 -15.86 5.92 3.56
C THR A 219 -16.67 4.68 3.20
N VAL A 220 -16.39 4.11 2.04
CA VAL A 220 -17.09 2.92 1.58
C VAL A 220 -16.10 2.02 0.85
N SER A 221 -16.53 0.81 0.54
CA SER A 221 -15.67 -0.12 -0.19
C SER A 221 -15.72 0.28 -1.66
N SER A 222 -14.55 0.47 -2.27
CA SER A 222 -14.50 0.88 -3.67
C SER A 222 -14.97 -0.20 -4.63
N SER A 223 -15.05 -1.44 -4.14
CA SER A 223 -15.49 -2.53 -5.00
C SER A 223 -16.91 -2.95 -4.69
N ALA A 224 -17.59 -2.20 -3.82
CA ALA A 224 -18.97 -2.50 -3.45
C ALA A 224 -19.78 -1.21 -3.28
N ILE A 225 -19.70 -0.32 -4.27
CA ILE A 225 -20.43 0.94 -4.21
C ILE A 225 -21.02 1.31 -5.57
N ALA A 226 -22.25 1.82 -5.56
CA ALA A 226 -22.95 2.24 -6.78
C ALA A 226 -23.27 3.71 -6.60
N ILE A 227 -23.24 4.46 -7.71
CA ILE A 227 -23.53 5.90 -7.66
C ILE A 227 -24.61 6.27 -8.66
N GLU A 228 -25.54 7.13 -8.24
CA GLU A 228 -26.61 7.58 -9.11
C GLU A 228 -26.71 9.08 -9.00
N VAL A 229 -26.75 9.76 -10.13
CA VAL A 229 -26.88 11.21 -10.14
C VAL A 229 -28.27 11.50 -10.69
N HIS A 230 -29.07 12.25 -9.93
CA HIS A 230 -30.42 12.57 -10.36
C HIS A 230 -30.60 14.06 -10.53
N LEU A 231 -30.84 14.48 -11.76
CA LEU A 231 -31.02 15.89 -12.07
C LEU A 231 -32.37 16.17 -12.72
N THR A 232 -32.85 17.39 -12.58
CA THR A 232 -34.09 17.79 -13.23
C THR A 232 -33.72 18.95 -14.14
N LYS A 233 -34.20 18.89 -15.38
CA LYS A 233 -33.89 19.91 -16.38
C LYS A 233 -34.74 21.17 -16.29
N LYS A 234 -34.12 22.30 -16.62
CA LYS A 234 -34.80 23.59 -16.60
C LYS A 234 -35.56 23.75 -17.91
N SER B 1 26.12 -21.58 20.25
CA SER B 1 24.80 -22.12 20.66
C SER B 1 23.72 -21.40 19.87
N SER B 2 23.05 -20.43 20.51
CA SER B 2 22.00 -19.72 19.83
C SER B 2 22.03 -18.23 20.14
N GLN B 3 21.34 -17.48 19.30
CA GLN B 3 21.29 -16.03 19.43
C GLN B 3 20.19 -15.52 20.34
N PRO B 4 20.54 -14.59 21.25
CA PRO B 4 19.53 -14.04 22.18
C PRO B 4 18.47 -13.33 21.35
N ASP B 5 17.20 -13.50 21.71
CA ASP B 5 16.12 -12.86 20.97
C ASP B 5 16.33 -11.34 20.96
N PRO B 6 15.71 -10.63 20.01
CA PRO B 6 15.89 -9.19 19.95
C PRO B 6 15.13 -8.38 20.99
N THR B 7 15.74 -7.31 21.43
CA THR B 7 15.10 -6.42 22.39
C THR B 7 14.45 -5.39 21.48
N PRO B 8 13.39 -4.71 21.95
CA PRO B 8 12.73 -3.71 21.10
C PRO B 8 13.71 -2.71 20.47
N GLU B 9 14.68 -2.30 21.27
CA GLU B 9 15.69 -1.34 20.84
C GLU B 9 16.72 -1.90 19.86
N GLN B 10 16.74 -3.21 19.68
CA GLN B 10 17.68 -3.86 18.76
C GLN B 10 17.09 -4.03 17.37
N LEU B 11 15.86 -3.57 17.19
CA LEU B 11 15.18 -3.72 15.91
C LEU B 11 14.99 -2.40 15.16
N ASN B 12 15.17 -2.46 13.85
CA ASN B 12 15.02 -1.29 12.99
C ASN B 12 13.56 -0.87 12.97
N LYS B 13 13.32 0.45 12.99
CA LYS B 13 11.96 1.00 12.95
C LYS B 13 11.67 1.42 11.51
N SER B 14 10.65 0.85 10.88
CA SER B 14 10.33 1.21 9.51
C SER B 14 9.99 2.69 9.40
N SER B 15 9.38 3.23 10.45
CA SER B 15 8.99 4.64 10.48
C SER B 15 10.20 5.55 10.37
N GLN B 16 11.38 5.01 10.64
CA GLN B 16 12.60 5.80 10.57
C GLN B 16 13.32 5.65 9.23
N PHE B 17 12.71 4.87 8.33
CA PHE B 17 13.26 4.68 6.99
C PHE B 17 12.37 5.55 6.11
N THR B 18 12.99 6.47 5.37
CA THR B 18 12.24 7.39 4.52
C THR B 18 12.32 7.14 3.02
N GLY B 19 13.02 6.09 2.61
CA GLY B 19 13.12 5.79 1.19
C GLY B 19 11.91 5.03 0.69
N VAL B 20 12.06 4.39 -0.47
CA VAL B 20 10.97 3.62 -1.05
C VAL B 20 11.08 2.17 -0.63
N MET B 21 10.20 1.75 0.27
CA MET B 21 10.20 0.38 0.78
C MET B 21 10.04 -0.65 -0.33
N GLY B 22 9.58 -0.18 -1.49
CA GLY B 22 9.40 -1.05 -2.62
C GLY B 22 10.71 -1.66 -3.09
N ASN B 23 11.82 -1.03 -2.71
CA ASN B 23 13.13 -1.52 -3.09
C ASN B 23 13.50 -2.77 -2.30
N LEU B 24 12.88 -2.91 -1.12
CA LEU B 24 13.11 -4.07 -0.27
C LEU B 24 12.04 -5.10 -0.63
N ARG B 25 10.83 -4.62 -0.90
CA ARG B 25 9.71 -5.48 -1.26
C ARG B 25 10.02 -6.33 -2.49
N CYS B 26 10.64 -5.71 -3.50
CA CYS B 26 10.95 -6.40 -4.75
C CYS B 26 11.94 -7.56 -4.61
N LEU B 27 12.58 -7.65 -3.44
CA LEU B 27 13.53 -8.72 -3.18
C LEU B 27 12.82 -9.99 -2.71
N TYR B 28 11.56 -9.84 -2.32
CA TYR B 28 10.80 -10.98 -1.82
C TYR B 28 9.38 -11.16 -2.37
N ASP B 29 8.96 -10.35 -3.30
CA ASP B 29 7.56 -10.45 -3.76
C ASP B 29 7.38 -11.23 -5.09
N ASN B 30 8.39 -11.26 -5.93
CA ASN B 30 8.26 -12.01 -7.20
C ASN B 30 9.10 -13.30 -7.15
N HIS B 31 9.85 -13.52 -8.22
CA HIS B 31 10.65 -14.74 -8.36
C HIS B 31 12.01 -14.60 -7.68
N PHE B 32 12.57 -15.76 -7.43
CA PHE B 32 13.90 -15.92 -6.85
C PHE B 32 14.72 -16.74 -7.81
N VAL B 33 16.02 -16.50 -7.77
CA VAL B 33 16.92 -17.26 -8.60
C VAL B 33 16.81 -18.73 -8.17
N GLU B 34 16.68 -19.62 -9.14
CA GLU B 34 16.64 -21.04 -8.86
C GLU B 34 17.42 -21.78 -9.93
N GLY B 35 18.28 -22.68 -9.45
CA GLY B 35 19.11 -23.51 -10.30
C GLY B 35 19.10 -24.94 -9.74
N THR B 36 19.06 -25.92 -10.64
CA THR B 36 19.03 -27.33 -10.24
C THR B 36 20.20 -28.10 -10.84
N ASN B 37 21.00 -28.71 -9.98
CA ASN B 37 22.14 -29.49 -10.42
C ASN B 37 23.01 -28.72 -11.42
N VAL B 38 23.60 -27.62 -10.95
CA VAL B 38 24.45 -26.82 -11.82
C VAL B 38 25.87 -26.87 -11.30
N ARG B 39 26.81 -26.43 -12.13
CA ARG B 39 28.21 -26.42 -11.76
C ARG B 39 28.78 -25.03 -12.05
N SER B 40 29.55 -24.50 -11.10
CA SER B 40 30.16 -23.19 -11.24
C SER B 40 30.98 -23.12 -12.52
N THR B 41 30.90 -22.01 -13.23
CA THR B 41 31.64 -21.84 -14.47
C THR B 41 32.83 -20.92 -14.28
N GLY B 42 32.98 -20.39 -13.07
CA GLY B 42 34.08 -19.50 -12.78
C GLY B 42 33.88 -18.74 -11.48
N GLN B 43 34.70 -17.71 -11.28
CA GLN B 43 34.63 -16.88 -10.09
C GLN B 43 35.57 -15.69 -10.23
N LEU B 44 35.21 -14.58 -9.59
CA LEU B 44 35.98 -13.34 -9.65
C LEU B 44 37.08 -13.31 -8.59
N LEU B 45 36.70 -13.56 -7.35
CA LEU B 45 37.63 -13.57 -6.24
C LEU B 45 37.58 -14.93 -5.57
N GLN B 46 38.16 -15.02 -4.40
CA GLN B 46 38.21 -16.27 -3.66
C GLN B 46 37.00 -16.54 -2.79
N HIS B 47 36.01 -15.67 -2.80
CA HIS B 47 34.89 -15.98 -1.95
C HIS B 47 33.56 -15.84 -2.63
N ASP B 48 33.60 -16.04 -3.94
CA ASP B 48 32.41 -16.06 -4.75
C ASP B 48 32.54 -17.17 -5.78
N LEU B 49 31.42 -17.45 -6.42
CA LEU B 49 31.29 -18.47 -7.45
C LEU B 49 30.27 -17.99 -8.46
N ILE B 50 30.53 -18.25 -9.74
CA ILE B 50 29.61 -17.87 -10.79
C ILE B 50 28.96 -19.14 -11.35
N PHE B 51 27.65 -19.09 -11.52
CA PHE B 51 26.91 -20.23 -12.04
C PHE B 51 26.19 -19.83 -13.32
N PRO B 52 26.15 -20.74 -14.30
CA PRO B 52 25.48 -20.44 -15.58
C PRO B 52 23.96 -20.56 -15.51
N ILE B 53 23.35 -19.83 -14.59
CA ILE B 53 21.90 -19.87 -14.43
C ILE B 53 21.26 -18.75 -15.26
N LYS B 54 20.50 -19.14 -16.27
CA LYS B 54 19.84 -18.18 -17.15
C LYS B 54 18.41 -17.88 -16.71
N ASP B 55 18.01 -16.63 -16.92
CA ASP B 55 16.67 -16.20 -16.58
C ASP B 55 15.74 -16.53 -17.74
N LEU B 56 15.10 -17.69 -17.68
CA LEU B 56 14.20 -18.11 -18.75
C LEU B 56 12.90 -17.31 -18.69
N LYS B 57 12.52 -16.95 -17.47
CA LYS B 57 11.29 -16.19 -17.23
C LYS B 57 11.27 -14.79 -17.82
N LEU B 58 12.14 -13.90 -17.33
CA LEU B 58 12.16 -12.53 -17.81
C LEU B 58 13.42 -12.13 -18.59
N LYS B 59 14.35 -13.07 -18.77
CA LYS B 59 15.59 -12.79 -19.50
C LYS B 59 16.36 -11.60 -18.90
N ASN B 60 16.48 -11.57 -17.58
CA ASN B 60 17.18 -10.49 -16.91
C ASN B 60 18.66 -10.79 -16.62
N TYR B 61 19.05 -12.05 -16.78
CA TYR B 61 20.44 -12.45 -16.55
C TYR B 61 20.78 -13.78 -17.20
N ASP B 62 22.03 -13.93 -17.62
CA ASP B 62 22.50 -15.15 -18.27
C ASP B 62 23.34 -15.99 -17.31
N SER B 63 23.64 -15.42 -16.15
CA SER B 63 24.43 -16.10 -15.14
C SER B 63 24.25 -15.38 -13.82
N VAL B 64 24.71 -16.00 -12.74
CA VAL B 64 24.58 -15.43 -11.42
C VAL B 64 25.87 -15.58 -10.62
N LYS B 65 26.21 -14.56 -9.86
CA LYS B 65 27.41 -14.62 -9.02
C LYS B 65 26.95 -14.56 -7.56
N THR B 66 27.36 -15.55 -6.77
CA THR B 66 27.00 -15.58 -5.36
C THR B 66 28.24 -15.40 -4.50
N GLU B 67 28.09 -14.68 -3.41
CA GLU B 67 29.19 -14.43 -2.51
C GLU B 67 28.99 -15.12 -1.16
N PHE B 68 30.09 -15.53 -0.54
CA PHE B 68 30.08 -16.20 0.76
C PHE B 68 30.94 -15.36 1.72
N ASN B 69 30.84 -15.63 3.03
CA ASN B 69 31.59 -14.88 4.03
C ASN B 69 32.99 -15.44 4.27
N SER B 70 33.32 -16.43 3.45
CA SER B 70 34.60 -17.09 3.54
C SER B 70 34.88 -17.80 2.23
N LYS B 71 36.18 -18.00 2.04
CA LYS B 71 36.86 -18.68 0.92
C LYS B 71 36.57 -20.16 0.99
N ASP B 72 36.50 -20.66 2.22
CA ASP B 72 36.23 -22.06 2.47
C ASP B 72 34.91 -22.47 1.85
N LEU B 73 33.89 -21.65 2.03
CA LEU B 73 32.57 -21.92 1.48
C LEU B 73 32.61 -22.00 -0.05
N ALA B 74 33.34 -21.07 -0.66
CA ALA B 74 33.46 -21.04 -2.11
C ALA B 74 34.23 -22.27 -2.60
N THR B 75 35.26 -22.65 -1.85
CA THR B 75 36.06 -23.81 -2.21
C THR B 75 35.24 -25.08 -2.08
N LYS B 76 34.38 -25.13 -1.08
CA LYS B 76 33.53 -26.28 -0.84
C LYS B 76 32.61 -26.63 -2.00
N TYR B 77 31.95 -25.62 -2.57
CA TYR B 77 31.02 -25.85 -3.67
C TYR B 77 31.59 -25.59 -5.05
N LYS B 78 32.85 -25.18 -5.12
CA LYS B 78 33.48 -24.87 -6.39
C LYS B 78 33.28 -25.90 -7.50
N ASN B 79 33.59 -27.16 -7.20
CA ASN B 79 33.46 -28.20 -8.21
C ASN B 79 32.38 -29.24 -7.93
N LYS B 80 31.33 -28.84 -7.24
CA LYS B 80 30.25 -29.76 -6.93
C LYS B 80 28.99 -29.40 -7.71
N ASP B 81 28.11 -30.38 -7.91
CA ASP B 81 26.85 -30.13 -8.58
C ASP B 81 26.00 -29.62 -7.43
N VAL B 82 25.43 -28.44 -7.59
CA VAL B 82 24.64 -27.85 -6.52
C VAL B 82 23.29 -27.30 -6.96
N ASP B 83 22.48 -26.96 -5.97
CA ASP B 83 21.17 -26.36 -6.20
C ASP B 83 21.34 -24.95 -5.66
N ILE B 84 20.66 -24.00 -6.27
CA ILE B 84 20.75 -22.61 -5.84
C ILE B 84 19.36 -22.01 -5.68
N PHE B 85 19.19 -21.26 -4.60
CA PHE B 85 17.91 -20.61 -4.33
C PHE B 85 18.18 -19.36 -3.50
N GLY B 86 17.70 -18.20 -3.99
CA GLY B 86 17.89 -16.98 -3.26
C GLY B 86 17.36 -15.70 -3.88
N SER B 87 17.58 -14.60 -3.17
CA SER B 87 17.14 -13.28 -3.60
C SER B 87 18.31 -12.57 -4.26
N ASN B 88 18.13 -12.16 -5.52
CA ASN B 88 19.21 -11.50 -6.25
C ASN B 88 19.05 -10.00 -6.39
N TYR B 89 20.14 -9.33 -6.75
CA TYR B 89 20.15 -7.88 -6.94
C TYR B 89 21.02 -7.57 -8.11
N TYR B 90 20.79 -6.40 -8.64
CA TYR B 90 21.55 -5.93 -9.75
C TYR B 90 22.32 -4.61 -9.51
N TYR B 91 22.41 -4.11 -8.29
CA TYR B 91 23.11 -2.81 -8.08
C TYR B 91 24.44 -2.95 -7.35
N ASN B 92 25.45 -3.10 -8.21
CA ASN B 92 26.88 -3.20 -7.86
C ASN B 92 27.32 -4.67 -7.84
N CYS B 93 27.07 -5.23 -9.03
CA CYS B 93 27.38 -6.63 -9.39
C CYS B 93 28.19 -6.67 -10.68
N TYR B 94 29.47 -6.80 -10.47
CA TYR B 94 30.39 -6.87 -11.55
C TYR B 94 31.21 -8.11 -11.43
N TYR B 95 31.24 -8.63 -12.55
CA TYR B 95 31.93 -9.76 -12.95
C TYR B 95 31.58 -9.75 -14.43
N LYS B 106 23.77 -10.23 -16.04
CA LYS B 106 24.31 -10.53 -14.72
C LYS B 106 23.50 -10.12 -13.53
N THR B 107 23.89 -10.74 -12.46
CA THR B 107 23.26 -10.52 -11.20
C THR B 107 23.97 -11.27 -10.12
N CYS B 108 23.85 -10.68 -8.96
CA CYS B 108 24.53 -11.19 -7.80
C CYS B 108 23.58 -11.61 -6.71
N MET B 109 24.23 -12.31 -5.79
CA MET B 109 23.60 -12.85 -4.60
C MET B 109 24.63 -13.33 -3.57
N TYR B 110 24.06 -13.73 -2.46
CA TYR B 110 24.83 -14.29 -1.34
C TYR B 110 24.28 -15.67 -0.97
N GLY B 111 25.21 -16.54 -0.73
CA GLY B 111 24.93 -17.92 -0.32
C GLY B 111 23.93 -18.60 -1.22
N GLY B 112 22.94 -19.26 -0.61
CA GLY B 112 21.90 -19.95 -1.35
C GLY B 112 22.29 -21.24 -2.04
N VAL B 113 23.44 -21.79 -1.67
CA VAL B 113 23.95 -23.01 -2.30
C VAL B 113 23.91 -24.25 -1.41
N THR B 114 23.41 -25.35 -1.98
CA THR B 114 23.34 -26.62 -1.26
C THR B 114 23.75 -27.69 -2.25
N GLU B 115 24.40 -28.75 -1.77
CA GLU B 115 24.79 -29.83 -2.65
C GLU B 115 23.53 -30.47 -3.24
N HIS B 116 23.57 -30.80 -4.52
CA HIS B 116 22.42 -31.40 -5.18
C HIS B 116 22.23 -32.88 -4.84
N HIS B 117 23.29 -33.66 -4.97
CA HIS B 117 23.24 -35.10 -4.73
C HIS B 117 22.95 -35.47 -3.27
N ARG B 118 22.04 -36.43 -3.08
CA ARG B 118 21.67 -36.98 -1.77
C ARG B 118 20.79 -36.06 -0.95
N ASN B 119 20.47 -34.92 -1.55
CA ASN B 119 19.67 -33.88 -0.91
C ASN B 119 18.26 -33.76 -1.47
N GLN B 120 17.96 -34.53 -2.51
CA GLN B 120 16.63 -34.46 -3.12
C GLN B 120 15.61 -35.24 -2.32
N ILE B 121 14.48 -34.61 -2.00
CA ILE B 121 13.44 -35.26 -1.23
C ILE B 121 12.54 -36.09 -2.13
N GLU B 122 12.28 -37.32 -1.71
CA GLU B 122 11.41 -38.22 -2.45
C GLU B 122 10.11 -38.38 -1.68
N GLY B 123 9.00 -38.31 -2.38
CA GLY B 123 7.72 -38.43 -1.72
C GLY B 123 7.21 -37.09 -1.22
N LYS B 124 6.47 -37.11 -0.12
CA LYS B 124 5.89 -35.91 0.46
C LYS B 124 6.93 -34.91 0.96
N PHE B 125 6.79 -33.66 0.53
CA PHE B 125 7.72 -32.61 0.96
C PHE B 125 7.35 -32.23 2.39
N PRO B 126 8.34 -31.82 3.19
CA PRO B 126 8.07 -31.42 4.57
C PRO B 126 7.23 -30.16 4.69
N ASN B 127 6.39 -30.10 5.71
CA ASN B 127 5.57 -28.94 5.95
C ASN B 127 6.24 -28.15 7.05
N ILE B 128 6.74 -26.97 6.71
CA ILE B 128 7.39 -26.11 7.67
C ILE B 128 6.38 -25.04 8.08
N THR B 129 6.01 -25.05 9.35
CA THR B 129 5.02 -24.11 9.87
C THR B 129 5.60 -22.78 10.27
N VAL B 130 4.94 -21.72 9.83
CA VAL B 130 5.35 -20.36 10.14
C VAL B 130 4.26 -19.76 11.04
N LYS B 131 4.64 -19.39 12.26
CA LYS B 131 3.71 -18.77 13.19
C LYS B 131 3.93 -17.27 13.13
N VAL B 132 2.89 -16.51 12.83
CA VAL B 132 3.02 -15.06 12.75
C VAL B 132 2.44 -14.39 13.97
N TYR B 133 3.23 -13.52 14.60
CA TYR B 133 2.80 -12.79 15.78
C TYR B 133 2.75 -11.30 15.51
N GLU B 134 1.70 -10.67 16.01
CA GLU B 134 1.52 -9.23 15.87
C GLU B 134 1.36 -8.75 17.30
N ASP B 135 2.35 -7.99 17.77
CA ASP B 135 2.34 -7.48 19.14
C ASP B 135 2.20 -8.64 20.12
N ASN B 136 3.00 -9.69 19.88
CA ASN B 136 3.04 -10.88 20.70
C ASN B 136 1.80 -11.77 20.67
N GLU B 137 0.98 -11.60 19.63
CA GLU B 137 -0.23 -12.40 19.50
C GLU B 137 -0.16 -13.23 18.21
N ASN B 138 -0.20 -14.53 18.37
CA ASN B 138 -0.21 -15.45 17.23
C ASN B 138 -1.57 -15.35 16.56
N ILE B 139 -1.67 -14.54 15.54
CA ILE B 139 -2.97 -14.36 14.88
C ILE B 139 -3.06 -15.09 13.53
N LEU B 140 -1.92 -15.59 13.03
CA LEU B 140 -1.89 -16.33 11.74
C LEU B 140 -0.74 -17.33 11.68
N SER B 141 -1.00 -18.44 11.00
CA SER B 141 -0.04 -19.54 10.80
C SER B 141 -0.22 -20.11 9.40
N PHE B 142 0.89 -20.42 8.71
CA PHE B 142 0.82 -21.00 7.39
C PHE B 142 2.07 -21.85 7.18
N ASP B 143 1.98 -22.78 6.25
CA ASP B 143 3.10 -23.67 5.97
C ASP B 143 3.77 -23.36 4.64
N ILE B 144 5.07 -23.62 4.58
CA ILE B 144 5.83 -23.45 3.35
C ILE B 144 6.50 -24.81 3.21
N THR B 145 7.09 -25.09 2.05
CA THR B 145 7.75 -26.36 1.85
C THR B 145 9.01 -26.20 1.01
N THR B 146 9.74 -27.28 0.86
CA THR B 146 10.96 -27.29 0.07
C THR B 146 11.19 -28.70 -0.43
N ASN B 147 12.05 -28.84 -1.42
CA ASN B 147 12.36 -30.14 -2.01
C ASN B 147 13.72 -30.62 -1.52
N LYS B 148 14.34 -29.86 -0.63
CA LYS B 148 15.66 -30.21 -0.12
C LYS B 148 15.66 -30.72 1.32
N LYS B 149 16.47 -31.76 1.58
CA LYS B 149 16.57 -32.33 2.91
C LYS B 149 17.25 -31.31 3.80
N GLN B 150 18.34 -30.74 3.32
CA GLN B 150 19.07 -29.69 4.00
C GLN B 150 18.83 -28.47 3.11
N VAL B 151 18.12 -27.48 3.64
CA VAL B 151 17.78 -26.30 2.86
C VAL B 151 18.38 -25.05 3.50
N THR B 152 18.74 -24.10 2.66
CA THR B 152 19.28 -22.86 3.16
C THR B 152 18.16 -22.07 3.83
N VAL B 153 18.51 -21.37 4.89
CA VAL B 153 17.56 -20.52 5.58
C VAL B 153 17.31 -19.31 4.69
N GLN B 154 18.05 -19.17 3.62
CA GLN B 154 17.70 -18.04 2.79
C GLN B 154 16.42 -18.43 2.03
N GLU B 155 16.37 -19.67 1.55
CA GLU B 155 15.22 -20.17 0.80
C GLU B 155 13.95 -20.14 1.64
N LEU B 156 14.06 -20.51 2.91
CA LEU B 156 12.92 -20.52 3.81
C LEU B 156 12.46 -19.09 4.09
N ASP B 157 13.43 -18.19 4.29
CA ASP B 157 13.15 -16.78 4.57
C ASP B 157 12.42 -16.18 3.37
N CYS B 158 13.00 -16.37 2.18
CA CYS B 158 12.43 -15.86 0.95
C CYS B 158 10.98 -16.28 0.78
N LYS B 159 10.72 -17.58 0.93
CA LYS B 159 9.37 -18.10 0.77
C LYS B 159 8.40 -17.55 1.81
N THR B 160 8.90 -17.32 3.02
CA THR B 160 8.05 -16.82 4.10
C THR B 160 7.68 -15.36 3.85
N ARG B 161 8.67 -14.56 3.49
CA ARG B 161 8.44 -13.15 3.24
C ARG B 161 7.54 -12.92 2.04
N LYS B 162 7.64 -13.78 1.03
CA LYS B 162 6.80 -13.64 -0.15
C LYS B 162 5.33 -13.74 0.27
N ILE B 163 5.02 -14.70 1.12
CA ILE B 163 3.65 -14.89 1.59
C ILE B 163 3.24 -13.71 2.48
N LEU B 164 4.17 -13.23 3.29
CA LEU B 164 3.90 -12.12 4.20
C LEU B 164 3.60 -10.83 3.42
N VAL B 165 4.20 -10.68 2.25
CA VAL B 165 3.98 -9.50 1.42
C VAL B 165 2.60 -9.65 0.75
N SER B 166 2.34 -10.83 0.21
CA SER B 166 1.08 -11.14 -0.47
C SER B 166 -0.14 -11.18 0.45
N ARG B 167 0.05 -11.61 1.70
CA ARG B 167 -1.06 -11.74 2.65
C ARG B 167 -1.16 -10.68 3.72
N LYS B 168 -0.02 -10.16 4.18
CA LYS B 168 -0.02 -9.17 5.26
C LYS B 168 0.60 -7.83 4.91
N ASN B 169 0.81 -7.57 3.62
CA ASN B 169 1.39 -6.29 3.21
C ASN B 169 2.65 -5.98 4.02
N LEU B 170 3.43 -7.00 4.34
CA LEU B 170 4.65 -6.82 5.12
C LEU B 170 5.42 -5.60 4.60
N TYR B 171 5.61 -5.53 3.29
CA TYR B 171 6.29 -4.41 2.66
C TYR B 171 5.35 -3.83 1.63
N GLU B 172 5.22 -2.50 1.64
CA GLU B 172 4.37 -1.82 0.67
C GLU B 172 5.34 -0.99 -0.18
N PHE B 173 4.83 -0.32 -1.19
CA PHE B 173 5.71 0.47 -2.05
C PHE B 173 6.40 1.62 -1.29
N ASN B 174 5.64 2.27 -0.43
CA ASN B 174 6.15 3.43 0.33
C ASN B 174 6.94 3.00 1.57
N ASN B 175 6.20 2.49 2.54
CA ASN B 175 6.78 2.00 3.81
C ASN B 175 6.15 0.65 4.17
N SER B 176 5.86 0.44 5.46
CA SER B 176 5.25 -0.85 5.92
C SER B 176 4.23 -0.66 7.08
N PRO B 177 3.11 -1.45 7.10
CA PRO B 177 2.09 -1.39 8.19
C PRO B 177 2.68 -1.72 9.57
N TYR B 178 3.85 -2.33 9.58
CA TYR B 178 4.52 -2.74 10.81
C TYR B 178 5.75 -1.90 11.14
N GLU B 179 5.89 -1.55 12.41
CA GLU B 179 7.03 -0.74 12.87
C GLU B 179 8.31 -1.57 12.93
N THR B 180 8.24 -2.73 13.59
CA THR B 180 9.40 -3.60 13.67
C THR B 180 8.97 -4.99 13.20
N GLY B 181 9.96 -5.80 12.84
CA GLY B 181 9.65 -7.13 12.37
C GLY B 181 10.90 -7.97 12.23
N TYR B 182 10.85 -9.17 12.77
CA TYR B 182 11.97 -10.09 12.67
C TYR B 182 11.45 -11.49 12.44
N ILE B 183 12.26 -12.30 11.78
CA ILE B 183 11.91 -13.69 11.50
C ILE B 183 12.89 -14.54 12.31
N LYS B 184 12.35 -15.45 13.11
CA LYS B 184 13.15 -16.31 13.97
C LYS B 184 13.10 -17.76 13.53
N PHE B 185 14.27 -18.40 13.51
CA PHE B 185 14.37 -19.80 13.11
C PHE B 185 14.81 -20.60 14.33
N ILE B 186 14.15 -21.72 14.58
CA ILE B 186 14.46 -22.57 15.72
C ILE B 186 14.70 -23.99 15.23
N GLU B 187 15.88 -24.53 15.55
CA GLU B 187 16.24 -25.89 15.16
C GLU B 187 15.80 -26.87 16.26
N SER B 188 15.77 -28.16 15.94
CA SER B 188 15.33 -29.19 16.88
C SER B 188 15.96 -29.10 18.27
N SER B 189 17.20 -28.67 18.35
CA SER B 189 17.90 -28.54 19.63
C SER B 189 17.40 -27.35 20.46
N GLY B 190 16.57 -26.50 19.84
CA GLY B 190 16.08 -25.34 20.57
C GLY B 190 16.90 -24.12 20.18
N ASP B 191 18.05 -24.34 19.57
CA ASP B 191 18.93 -23.25 19.14
C ASP B 191 18.19 -22.40 18.13
N SER B 192 18.28 -21.08 18.29
CA SER B 192 17.60 -20.16 17.37
C SER B 192 18.46 -18.94 17.00
N PHE B 193 18.00 -18.24 15.96
CA PHE B 193 18.64 -17.03 15.47
C PHE B 193 17.55 -16.27 14.73
N TRP B 194 17.75 -14.98 14.51
CA TRP B 194 16.73 -14.18 13.84
C TRP B 194 17.33 -13.14 12.91
N TYR B 195 16.52 -12.65 11.98
CA TYR B 195 16.95 -11.63 11.03
C TYR B 195 16.02 -10.42 11.16
N ASP B 196 16.58 -9.22 11.09
CA ASP B 196 15.76 -8.02 11.16
C ASP B 196 15.15 -7.85 9.75
N MET B 197 13.82 -7.80 9.67
CA MET B 197 13.15 -7.67 8.38
C MET B 197 12.95 -6.23 7.94
N MET B 198 13.27 -5.29 8.81
CA MET B 198 13.11 -3.87 8.47
C MET B 198 14.42 -3.23 8.04
N PRO B 199 14.35 -2.25 7.14
CA PRO B 199 15.55 -1.56 6.64
C PRO B 199 16.17 -0.61 7.65
N ALA B 200 17.46 -0.33 7.48
CA ALA B 200 18.17 0.58 8.36
C ALA B 200 17.56 1.97 8.15
N PRO B 201 17.64 2.84 9.17
CA PRO B 201 17.08 4.20 9.08
C PRO B 201 17.74 5.06 8.00
N GLY B 202 17.02 6.07 7.54
CA GLY B 202 17.56 6.94 6.51
C GLY B 202 16.68 6.85 5.27
N ALA B 203 17.10 7.50 4.20
CA ALA B 203 16.31 7.50 2.97
C ALA B 203 16.82 6.54 1.91
N ILE B 204 17.95 5.88 2.18
CA ILE B 204 18.51 4.96 1.21
C ILE B 204 18.54 3.50 1.63
N PHE B 205 18.14 2.63 0.71
CA PHE B 205 18.15 1.21 0.99
C PHE B 205 19.13 0.53 0.05
N ASP B 206 20.20 -0.01 0.63
CA ASP B 206 21.23 -0.70 -0.12
C ASP B 206 20.92 -2.20 -0.16
N GLN B 207 20.43 -2.66 -1.31
CA GLN B 207 20.07 -4.05 -1.49
C GLN B 207 21.26 -5.00 -1.32
N SER B 208 22.36 -4.69 -2.00
CA SER B 208 23.57 -5.50 -1.93
C SER B 208 24.08 -5.60 -0.50
N LYS B 209 23.79 -4.57 0.30
CA LYS B 209 24.22 -4.56 1.68
C LYS B 209 23.26 -5.36 2.56
N TYR B 210 21.96 -5.23 2.30
CA TYR B 210 20.97 -5.94 3.09
C TYR B 210 21.06 -7.47 2.93
N LEU B 211 21.14 -7.92 1.68
CA LEU B 211 21.19 -9.34 1.37
C LEU B 211 22.45 -10.05 1.86
N MET B 212 23.42 -9.28 2.36
CA MET B 212 24.65 -9.87 2.85
C MET B 212 24.39 -10.81 4.02
N LEU B 213 23.24 -10.64 4.66
CA LEU B 213 22.90 -11.49 5.80
C LEU B 213 22.85 -12.97 5.40
N TYR B 214 22.69 -13.24 4.12
CA TYR B 214 22.63 -14.61 3.62
C TYR B 214 23.98 -15.23 3.25
N ASN B 215 25.05 -14.45 3.35
CA ASN B 215 26.37 -14.93 2.94
C ASN B 215 27.04 -16.02 3.78
N ASP B 216 26.39 -16.45 4.86
CA ASP B 216 26.97 -17.52 5.67
C ASP B 216 26.49 -18.87 5.12
N ASN B 217 25.58 -18.81 4.15
CA ASN B 217 25.06 -20.02 3.52
C ASN B 217 24.50 -20.99 4.56
N LYS B 218 23.94 -20.44 5.63
CA LYS B 218 23.38 -21.24 6.70
C LYS B 218 22.28 -22.16 6.18
N THR B 219 22.35 -23.44 6.56
CA THR B 219 21.34 -24.40 6.13
C THR B 219 20.83 -25.15 7.36
N VAL B 220 19.63 -25.69 7.24
CA VAL B 220 19.02 -26.44 8.33
C VAL B 220 18.27 -27.63 7.74
N SER B 221 17.81 -28.53 8.61
CA SER B 221 17.06 -29.69 8.17
C SER B 221 15.63 -29.22 7.89
N SER B 222 15.11 -29.50 6.70
CA SER B 222 13.77 -29.08 6.36
C SER B 222 12.68 -29.80 7.13
N SER B 223 13.03 -30.91 7.77
CA SER B 223 12.06 -31.66 8.56
C SER B 223 12.24 -31.45 10.05
N ALA B 224 13.13 -30.53 10.40
CA ALA B 224 13.38 -30.22 11.81
C ALA B 224 13.62 -28.73 12.03
N ILE B 225 12.74 -27.90 11.48
CA ILE B 225 12.87 -26.46 11.62
C ILE B 225 11.52 -25.80 11.86
N ALA B 226 11.51 -24.80 12.74
CA ALA B 226 10.29 -24.06 13.06
C ALA B 226 10.58 -22.59 12.75
N ILE B 227 9.56 -21.86 12.29
CA ILE B 227 9.73 -20.45 11.97
C ILE B 227 8.69 -19.59 12.68
N GLU B 228 9.15 -18.45 13.20
CA GLU B 228 8.26 -17.53 13.89
C GLU B 228 8.53 -16.13 13.37
N VAL B 229 7.47 -15.44 13.00
CA VAL B 229 7.57 -14.07 12.52
C VAL B 229 6.95 -13.17 13.59
N HIS B 230 7.75 -12.27 14.13
CA HIS B 230 7.24 -11.32 15.13
C HIS B 230 7.30 -9.91 14.58
N LEU B 231 6.11 -9.31 14.51
CA LEU B 231 5.88 -7.94 14.04
C LEU B 231 5.14 -7.12 15.09
N THR B 232 5.36 -5.81 15.02
CA THR B 232 4.69 -4.86 15.89
C THR B 232 3.92 -3.90 14.95
N LYS B 233 2.66 -3.69 15.28
CA LYS B 233 1.77 -2.84 14.49
C LYS B 233 2.01 -1.36 14.70
N LYS B 234 1.70 -0.58 13.67
CA LYS B 234 1.84 0.87 13.74
C LYS B 234 0.50 1.43 14.23
#